data_1Z1C
#
_entry.id   1Z1C
#
_cell.length_a   448.700
_cell.length_b   416.700
_cell.length_c   305.300
_cell.angle_alpha   90.00
_cell.angle_beta   95.80
_cell.angle_gamma   90.00
#
_symmetry.space_group_name_H-M   'C 1 2 1'
#
loop_
_entity.id
_entity.type
_entity.pdbx_description
1 polymer "5'-D(*AP*TP*CP*CP*TP*CP*TP*AP*TP*CP*AP*C)-3'"
2 polymer "5'-D(*AP*CP*AP*CP*CP*AP*AP*AP*A)-3'"
3 polymer 'Coat protein VP2'
4 non-polymer 'CALCIUM ION'
5 non-polymer "2'-DEOXYADENOSINE-5'-MONOPHOSPHATE"
6 water water
#
loop_
_entity_poly.entity_id
_entity_poly.type
_entity_poly.pdbx_seq_one_letter_code
_entity_poly.pdbx_strand_id
1 'polydeoxyribonucleotide' (DA)(DT)(DC)(DC)(DT)(DC)(DT)(DA)(DT)(DC)(DA)(DC) B
2 'polydeoxyribonucleotide' (DA)(DC)(DA)(DC)(DC)(DA)(DA)(DA)(DA) C
3 'polypeptide(L)'
;MSDGTSQPDGGNAVHSAARVERAADGPGGSGGGGSGGGGVGVSTGSYDNQTHYRFLGDGWVEITALATRLVHLNMPKSEN
YCRIRVHNTTDTSVKGNMAKDDAHEQIWTPWSLVDANAWGVWLQPSDWQYICNTMSQLNLVSLDQEIFNVVLKTVTEQDS
GGQAIKIYNNDLTACMMVAVDSNNILPYTPAANSMETLGFYPWKPTIASPYRYYFCVDRDLSVTYENQEGTIEHNVMGTP
KGMNSQFFTIENTQQITLLRTGDEFATGTYYFDTNPVKLTHTWQTNRQLGQPPLLSTFPEADTDAGTLTAQGSRHGATQM
EVNWVSEAIRTRPAQVGFCQPHNDFEASRAGPFAAPKVPADVTQGMDREANGSVRYSYGKQHGENWAAHGPAPERYTWDE
TNFGSGRDTRDGFIQSAPLVVPPPLNGILTNANPIGTKNDIHFSNVFNSYGPLTTFSHPSPVYPQGQIWDKELDLEHKPR
LHITAPFVCKNNAPGQMLVRLGPNLTDQYDPNGATLSRIVTYGTFFWKGKLTMRAKLRANTTWNPVYQVSVEDNGNSYMS
VTKWLPTATGNMQSVPLITRPVARNTY
;
A
#
loop_
_chem_comp.id
_chem_comp.type
_chem_comp.name
_chem_comp.formula
CA non-polymer 'CALCIUM ION' 'Ca 2'
D5M non-polymer 2'-DEOXYADENOSINE-5'-MONOPHOSPHATE 'C10 H14 N5 O6 P'
DA DNA linking 2'-DEOXYADENOSINE-5'-MONOPHOSPHATE 'C10 H14 N5 O6 P'
DC DNA linking 2'-DEOXYCYTIDINE-5'-MONOPHOSPHATE 'C9 H14 N3 O7 P'
DT DNA linking THYMIDINE-5'-MONOPHOSPHATE 'C10 H15 N2 O8 P'
#
# COMPACT_ATOMS: atom_id res chain seq x y z
N GLY C 39 39.15 -20.95 -6.96
CA GLY C 39 37.71 -21.20 -6.61
C GLY C 39 36.78 -20.04 -6.95
N VAL C 40 37.32 -18.97 -7.51
CA VAL C 40 36.51 -17.81 -7.87
C VAL C 40 36.83 -17.28 -9.28
N GLY C 41 36.08 -16.27 -9.72
CA GLY C 41 36.31 -15.73 -11.04
C GLY C 41 35.30 -16.27 -12.03
N VAL C 42 34.22 -16.82 -11.49
CA VAL C 42 33.15 -17.37 -12.30
C VAL C 42 31.79 -16.99 -11.80
N SER C 43 31.02 -16.30 -12.63
CA SER C 43 29.69 -15.85 -12.25
C SER C 43 28.88 -16.99 -11.64
N THR C 44 27.90 -16.65 -10.81
CA THR C 44 27.09 -17.66 -10.14
C THR C 44 25.61 -17.58 -10.47
N GLY C 45 25.24 -16.67 -11.36
CA GLY C 45 23.84 -16.54 -11.74
C GLY C 45 23.68 -15.87 -13.08
N SER C 46 22.51 -15.31 -13.37
CA SER C 46 22.35 -14.68 -14.68
C SER C 46 21.29 -13.60 -14.74
N TYR C 47 21.61 -12.49 -15.38
CA TYR C 47 20.66 -11.37 -15.46
C TYR C 47 19.50 -11.60 -16.39
N ASP C 48 18.32 -11.32 -15.86
CA ASP C 48 17.12 -11.48 -16.62
C ASP C 48 15.95 -10.76 -15.99
N ASN C 49 15.55 -9.67 -16.62
CA ASN C 49 14.43 -8.90 -16.11
C ASN C 49 13.37 -8.84 -17.21
N GLN C 50 12.94 -10.03 -17.61
CA GLN C 50 11.93 -10.19 -18.65
C GLN C 50 10.55 -10.49 -18.08
N THR C 51 9.59 -10.56 -18.97
CA THR C 51 8.22 -10.84 -18.57
C THR C 51 7.59 -11.64 -19.70
N HIS C 52 7.14 -12.86 -19.40
CA HIS C 52 6.54 -13.72 -20.41
C HIS C 52 5.08 -13.97 -20.24
N TYR C 53 4.38 -13.89 -21.36
CA TYR C 53 2.96 -14.09 -21.40
C TYR C 53 2.72 -15.41 -22.04
N ARG C 54 2.43 -16.41 -21.24
CA ARG C 54 2.18 -17.71 -21.82
C ARG C 54 0.69 -17.85 -22.04
N PHE C 55 0.30 -18.10 -23.27
CA PHE C 55 -1.11 -18.21 -23.57
C PHE C 55 -1.58 -19.63 -23.63
N LEU C 56 -2.71 -19.89 -22.97
CA LEU C 56 -3.29 -21.22 -22.93
C LEU C 56 -4.75 -21.10 -23.39
N GLY C 57 -5.42 -22.24 -23.56
CA GLY C 57 -6.80 -22.22 -24.02
C GLY C 57 -7.80 -21.48 -23.14
N ASP C 58 -9.04 -21.40 -23.62
CA ASP C 58 -10.11 -20.73 -22.88
C ASP C 58 -9.57 -19.40 -22.39
N GLY C 59 -8.60 -18.88 -23.13
CA GLY C 59 -8.01 -17.60 -22.81
C GLY C 59 -7.39 -17.40 -21.44
N TRP C 60 -6.85 -18.46 -20.86
CA TRP C 60 -6.19 -18.31 -19.58
C TRP C 60 -4.79 -17.87 -19.87
N VAL C 61 -4.15 -17.20 -18.92
CA VAL C 61 -2.80 -16.81 -19.20
C VAL C 61 -1.90 -16.94 -18.00
N GLU C 62 -0.68 -17.36 -18.28
CA GLU C 62 0.34 -17.57 -17.29
C GLU C 62 1.41 -16.50 -17.46
N ILE C 63 1.32 -15.43 -16.69
CA ILE C 63 2.30 -14.37 -16.75
C ILE C 63 3.48 -14.74 -15.85
N THR C 64 4.67 -14.43 -16.32
CA THR C 64 5.86 -14.77 -15.57
C THR C 64 6.80 -13.59 -15.39
N ALA C 65 6.93 -13.12 -14.16
CA ALA C 65 7.78 -11.96 -13.90
C ALA C 65 9.22 -12.23 -13.57
N LEU C 66 10.10 -11.60 -14.34
CA LEU C 66 11.51 -11.77 -14.10
C LEU C 66 12.19 -10.52 -13.65
N ALA C 67 12.70 -10.59 -12.43
CA ALA C 67 13.38 -9.44 -11.85
C ALA C 67 14.82 -9.70 -11.43
N THR C 68 15.73 -8.91 -11.96
CA THR C 68 17.12 -9.05 -11.60
C THR C 68 17.58 -7.67 -11.14
N ARG C 69 18.34 -7.60 -10.05
CA ARG C 69 18.76 -6.29 -9.58
C ARG C 69 20.08 -6.28 -8.80
N LEU C 70 20.85 -5.22 -9.01
CA LEU C 70 22.13 -5.09 -8.34
C LEU C 70 22.00 -4.34 -7.03
N VAL C 71 22.31 -5.02 -5.95
CA VAL C 71 22.20 -4.43 -4.63
C VAL C 71 23.53 -4.11 -3.97
N HIS C 72 23.56 -2.96 -3.31
CA HIS C 72 24.75 -2.51 -2.63
C HIS C 72 24.52 -2.60 -1.14
N LEU C 73 25.58 -2.82 -0.38
CA LEU C 73 25.46 -2.94 1.06
C LEU C 73 26.74 -2.68 1.86
N ASN C 74 26.60 -1.87 2.91
CA ASN C 74 27.71 -1.53 3.78
C ASN C 74 27.45 -1.90 5.24
N MET C 75 28.55 -1.90 5.98
CA MET C 75 28.52 -2.26 7.38
C MET C 75 27.46 -1.56 8.20
N PRO C 76 26.71 -2.34 9.00
CA PRO C 76 25.65 -1.88 9.90
C PRO C 76 26.38 -1.15 11.02
N LYS C 77 26.04 0.12 11.20
CA LYS C 77 26.71 0.92 12.21
C LYS C 77 26.66 0.30 13.61
N SER C 78 25.47 -0.04 14.09
CA SER C 78 25.40 -0.65 15.42
C SER C 78 25.85 -2.08 15.26
N GLU C 79 26.80 -2.52 16.08
CA GLU C 79 27.24 -3.89 15.95
C GLU C 79 26.23 -4.82 16.58
N ASN C 80 25.37 -4.25 17.41
CA ASN C 80 24.37 -5.03 18.12
C ASN C 80 22.96 -4.61 17.86
N TYR C 81 22.09 -5.12 18.73
CA TYR C 81 20.68 -4.83 18.66
C TYR C 81 20.46 -3.69 19.61
N CYS C 82 19.71 -2.70 19.13
CA CYS C 82 19.44 -1.54 19.93
C CYS C 82 17.95 -1.34 20.16
N ARG C 83 17.58 -1.20 21.42
CA ARG C 83 16.19 -0.94 21.74
C ARG C 83 16.15 0.57 21.87
N ILE C 84 15.73 1.22 20.80
CA ILE C 84 15.69 2.66 20.78
C ILE C 84 14.28 3.22 20.97
N ARG C 85 14.21 4.45 21.47
CA ARG C 85 12.93 5.09 21.68
C ARG C 85 12.79 6.36 20.85
N VAL C 86 11.55 6.73 20.56
CA VAL C 86 11.28 7.93 19.78
C VAL C 86 10.08 8.71 20.28
N HIS C 87 10.37 9.91 20.80
CA HIS C 87 9.37 10.81 21.34
C HIS C 87 9.54 12.19 20.70
N ASN C 88 8.49 12.68 20.07
CA ASN C 88 8.59 13.97 19.41
C ASN C 88 7.90 15.07 20.22
N THR C 89 8.38 15.26 21.45
CA THR C 89 7.85 16.28 22.36
C THR C 89 7.78 17.63 21.64
N THR C 90 8.76 17.84 20.77
CA THR C 90 8.88 19.04 19.97
C THR C 90 7.56 19.34 19.23
N ASP C 91 6.75 18.30 19.03
CA ASP C 91 5.48 18.44 18.33
C ASP C 91 4.28 18.06 19.20
N THR C 92 4.45 17.06 20.03
CA THR C 92 3.37 16.59 20.91
C THR C 92 2.95 17.67 21.91
N SER C 93 3.88 18.54 22.27
CA SER C 93 3.62 19.60 23.24
C SER C 93 2.57 20.65 22.81
N VAL C 94 2.47 20.94 21.51
CA VAL C 94 1.48 21.91 21.05
C VAL C 94 0.09 21.43 21.43
N LYS C 95 -0.85 22.36 21.58
CA LYS C 95 -2.22 22.01 21.97
C LYS C 95 -2.99 21.28 20.87
N GLY C 96 -3.04 21.87 19.69
CA GLY C 96 -3.76 21.24 18.59
C GLY C 96 -3.12 19.95 18.10
N ASN C 97 -1.79 19.94 18.08
CA ASN C 97 -1.00 18.79 17.64
C ASN C 97 -1.08 17.54 18.51
N MET C 98 -1.37 16.41 17.87
CA MET C 98 -1.47 15.09 18.48
C MET C 98 -1.54 14.17 17.30
N ALA C 99 -2.29 14.61 16.30
CA ALA C 99 -2.43 13.89 15.07
C ALA C 99 -1.07 13.82 14.37
N LYS C 100 -0.03 14.33 15.04
CA LYS C 100 1.33 14.32 14.50
C LYS C 100 2.22 13.46 15.38
N ASP C 101 1.59 12.76 16.33
CA ASP C 101 2.32 11.90 17.27
C ASP C 101 3.13 10.78 16.64
N ASP C 102 4.42 10.72 16.97
CA ASP C 102 5.30 9.68 16.45
C ASP C 102 5.90 8.85 17.59
N ALA C 103 5.19 8.79 18.71
CA ALA C 103 5.68 8.06 19.88
C ALA C 103 5.61 6.54 19.78
N HIS C 104 6.76 5.91 20.02
CA HIS C 104 6.89 4.46 19.97
C HIS C 104 8.32 4.09 20.34
N GLU C 105 8.59 2.78 20.41
CA GLU C 105 9.93 2.28 20.72
C GLU C 105 10.28 1.05 19.90
N GLN C 106 11.09 1.25 18.86
CA GLN C 106 11.51 0.15 17.97
C GLN C 106 12.80 -0.55 18.39
N ILE C 107 13.03 -1.74 17.82
CA ILE C 107 14.26 -2.48 18.09
C ILE C 107 15.02 -2.57 16.78
N TRP C 108 16.18 -1.93 16.80
CA TRP C 108 17.03 -1.86 15.63
C TRP C 108 17.94 -3.05 15.47
N THR C 109 17.71 -3.85 14.43
CA THR C 109 18.58 -5.00 14.20
C THR C 109 19.66 -4.69 13.19
N PRO C 110 20.86 -5.18 13.44
CA PRO C 110 21.97 -4.95 12.53
C PRO C 110 21.73 -5.66 11.20
N TRP C 111 20.55 -6.21 11.00
CA TRP C 111 20.28 -6.89 9.73
C TRP C 111 19.47 -6.01 8.78
N SER C 112 19.56 -6.33 7.50
CA SER C 112 18.83 -5.60 6.47
C SER C 112 17.85 -6.48 5.68
N LEU C 113 16.66 -5.94 5.44
CA LEU C 113 15.60 -6.64 4.74
C LEU C 113 15.69 -6.49 3.22
N VAL C 114 15.13 -7.47 2.50
CA VAL C 114 15.12 -7.47 1.04
C VAL C 114 13.68 -7.72 0.60
N ASP C 115 12.91 -6.64 0.54
CA ASP C 115 11.50 -6.70 0.16
C ASP C 115 11.38 -6.42 -1.32
N ALA C 116 10.54 -7.19 -2.00
CA ALA C 116 10.29 -6.99 -3.42
C ALA C 116 8.77 -6.90 -3.59
N ASN C 117 8.07 -6.81 -2.46
CA ASN C 117 6.62 -6.74 -2.46
C ASN C 117 6.10 -5.39 -2.94
N ALA C 118 6.20 -5.15 -4.24
CA ALA C 118 5.76 -3.89 -4.83
C ALA C 118 5.70 -4.05 -6.33
N TRP C 119 4.50 -3.99 -6.87
CA TRP C 119 4.34 -4.15 -8.30
C TRP C 119 5.50 -3.54 -9.04
N GLY C 120 5.67 -2.23 -8.88
CA GLY C 120 6.74 -1.52 -9.57
C GLY C 120 8.06 -2.25 -9.80
N VAL C 121 8.34 -3.28 -9.00
CA VAL C 121 9.58 -4.01 -9.14
C VAL C 121 9.56 -5.11 -10.22
N TRP C 122 8.40 -5.70 -10.45
CA TRP C 122 8.26 -6.77 -11.42
C TRP C 122 7.88 -6.40 -12.85
N LEU C 123 6.74 -5.76 -13.00
CA LEU C 123 6.29 -5.42 -14.34
C LEU C 123 6.83 -4.11 -14.89
N GLN C 124 6.70 -4.00 -16.20
CA GLN C 124 7.13 -2.84 -16.97
C GLN C 124 5.88 -1.99 -17.19
N PRO C 125 6.01 -0.67 -17.14
CA PRO C 125 4.88 0.24 -17.34
C PRO C 125 3.91 -0.34 -18.35
N SER C 126 4.35 -0.38 -19.59
CA SER C 126 3.58 -0.90 -20.70
C SER C 126 2.81 -2.19 -20.34
N ASP C 127 3.51 -3.15 -19.75
CA ASP C 127 2.85 -4.39 -19.40
C ASP C 127 1.62 -4.15 -18.55
N TRP C 128 1.79 -3.43 -17.45
CA TRP C 128 0.67 -3.15 -16.57
C TRP C 128 -0.48 -2.62 -17.41
N GLN C 129 -0.13 -1.90 -18.47
CA GLN C 129 -1.13 -1.38 -19.38
C GLN C 129 -1.83 -2.59 -19.97
N TYR C 130 -1.04 -3.34 -20.70
CA TYR C 130 -1.48 -4.55 -21.35
C TYR C 130 -2.39 -5.42 -20.49
N ILE C 131 -1.89 -5.83 -19.33
CA ILE C 131 -2.68 -6.66 -18.45
C ILE C 131 -4.03 -6.02 -18.17
N CYS C 132 -3.99 -4.79 -17.67
CA CYS C 132 -5.22 -4.09 -17.35
C CYS C 132 -6.15 -3.85 -18.53
N ASN C 133 -5.59 -3.50 -19.69
CA ASN C 133 -6.43 -3.26 -20.87
C ASN C 133 -7.00 -4.56 -21.45
N THR C 134 -6.35 -5.68 -21.17
CA THR C 134 -6.76 -6.95 -21.76
C THR C 134 -7.36 -8.04 -20.87
N MET C 135 -6.92 -8.11 -19.61
CA MET C 135 -7.40 -9.16 -18.71
C MET C 135 -8.69 -8.88 -18.00
N SER C 136 -9.16 -9.84 -17.23
CA SER C 136 -10.40 -9.66 -16.50
C SER C 136 -10.18 -9.93 -15.03
N GLN C 137 -9.04 -10.55 -14.73
CA GLN C 137 -8.71 -10.87 -13.35
C GLN C 137 -7.28 -11.31 -13.24
N LEU C 138 -6.72 -11.11 -12.06
CA LEU C 138 -5.34 -11.47 -11.88
C LEU C 138 -5.15 -12.10 -10.54
N ASN C 139 -4.23 -13.05 -10.49
CA ASN C 139 -3.92 -13.72 -9.24
C ASN C 139 -2.50 -14.22 -9.09
N LEU C 140 -1.98 -14.06 -7.88
CA LEU C 140 -0.64 -14.49 -7.52
C LEU C 140 -0.55 -16.01 -7.60
N VAL C 141 0.61 -16.50 -8.01
CA VAL C 141 0.83 -17.94 -8.16
C VAL C 141 2.00 -18.50 -7.38
N SER C 142 3.20 -17.97 -7.64
CA SER C 142 4.37 -18.45 -6.93
C SER C 142 5.50 -17.48 -7.04
N LEU C 143 6.35 -17.51 -6.02
CA LEU C 143 7.50 -16.63 -5.98
C LEU C 143 8.80 -17.41 -5.83
N ASP C 144 9.84 -16.95 -6.50
CA ASP C 144 11.14 -17.58 -6.39
C ASP C 144 12.23 -16.54 -6.40
N GLN C 145 13.04 -16.55 -5.34
CA GLN C 145 14.13 -15.60 -5.17
C GLN C 145 15.51 -16.26 -5.34
N GLU C 146 16.53 -15.46 -5.63
CA GLU C 146 17.87 -15.99 -5.81
C GLU C 146 18.96 -14.93 -5.66
N ILE C 147 20.01 -15.26 -4.93
CA ILE C 147 21.11 -14.32 -4.69
C ILE C 147 22.41 -14.83 -5.25
N PHE C 148 23.17 -13.97 -5.91
CA PHE C 148 24.40 -14.44 -6.49
C PHE C 148 25.31 -13.37 -7.02
N ASN C 149 26.55 -13.80 -7.22
CA ASN C 149 27.62 -12.96 -7.71
C ASN C 149 27.94 -11.98 -6.63
N VAL C 150 28.37 -12.53 -5.50
CA VAL C 150 28.73 -11.74 -4.34
C VAL C 150 30.03 -10.99 -4.56
N VAL C 151 30.04 -9.72 -4.14
CA VAL C 151 31.21 -8.86 -4.29
C VAL C 151 31.49 -8.21 -2.95
N LEU C 152 32.63 -8.54 -2.35
CA LEU C 152 33.00 -7.97 -1.06
C LEU C 152 34.30 -7.20 -1.13
N LYS C 153 34.25 -5.92 -0.75
CA LYS C 153 35.43 -5.06 -0.80
C LYS C 153 35.63 -4.25 0.49
N THR C 154 36.89 -3.89 0.72
CA THR C 154 37.26 -3.07 1.87
C THR C 154 37.91 -1.79 1.34
N VAL C 155 37.73 -0.68 2.04
CA VAL C 155 38.32 0.57 1.59
C VAL C 155 39.40 1.02 2.56
N THR C 156 40.49 1.53 2.02
CA THR C 156 41.59 2.01 2.84
C THR C 156 41.90 3.45 2.47
N GLU C 157 41.50 4.38 3.33
CA GLU C 157 41.70 5.80 3.11
C GLU C 157 43.18 6.12 3.33
N GLN C 158 43.97 6.14 2.26
CA GLN C 158 45.38 6.45 2.43
C GLN C 158 45.76 7.80 1.82
N ASP C 159 47.00 7.86 1.34
CA ASP C 159 47.59 9.06 0.76
C ASP C 159 47.58 10.20 1.80
N SER C 160 48.06 9.89 3.00
CA SER C 160 48.15 10.90 4.06
C SER C 160 49.48 11.64 3.80
N GLY C 161 50.27 11.07 2.87
CA GLY C 161 51.54 11.65 2.47
C GLY C 161 51.38 12.24 1.06
N GLY C 162 50.46 13.21 0.97
CA GLY C 162 50.16 13.89 -0.29
C GLY C 162 48.87 14.70 -0.25
N GLN C 163 47.76 14.05 0.24
CA GLN C 163 46.45 14.72 0.33
C GLN C 163 45.32 14.03 1.18
N ALA C 164 44.55 13.18 0.52
CA ALA C 164 43.41 12.50 1.15
C ALA C 164 42.63 11.64 0.14
N ILE C 165 43.22 10.52 -0.28
CA ILE C 165 42.61 9.61 -1.25
C ILE C 165 41.91 8.41 -0.60
N LYS C 166 41.24 7.61 -1.44
CA LYS C 166 40.53 6.40 -1.02
C LYS C 166 40.85 5.26 -1.99
N ILE C 167 41.35 4.14 -1.47
CA ILE C 167 41.69 3.00 -2.30
C ILE C 167 40.70 1.87 -2.09
N TYR C 168 40.24 1.30 -3.20
CA TYR C 168 39.29 0.21 -3.18
C TYR C 168 39.92 -1.10 -3.65
N ASN C 169 39.58 -2.18 -2.95
CA ASN C 169 40.05 -3.53 -3.27
C ASN C 169 39.25 -4.57 -2.48
N ASN C 170 38.99 -5.71 -3.11
CA ASN C 170 38.20 -6.76 -2.51
C ASN C 170 38.94 -7.82 -1.71
N ASP C 171 38.28 -8.22 -0.62
CA ASP C 171 38.75 -9.25 0.30
C ASP C 171 37.97 -10.50 -0.12
N LEU C 172 38.70 -11.58 -0.33
CA LEU C 172 38.07 -12.81 -0.77
C LEU C 172 37.47 -13.61 0.36
N THR C 173 38.27 -13.83 1.38
CA THR C 173 37.82 -14.58 2.56
C THR C 173 36.56 -13.94 3.19
N ALA C 174 36.43 -12.63 3.08
CA ALA C 174 35.29 -11.94 3.64
C ALA C 174 34.00 -12.63 3.22
N CYS C 175 32.94 -12.47 4.01
CA CYS C 175 31.68 -13.10 3.66
C CYS C 175 30.45 -12.26 3.95
N MET C 176 29.32 -12.71 3.41
CA MET C 176 28.04 -12.06 3.57
C MET C 176 27.18 -13.05 4.32
N MET C 177 26.04 -12.62 4.83
CA MET C 177 25.19 -13.55 5.55
C MET C 177 23.73 -13.41 5.15
N VAL C 178 23.10 -14.55 4.88
CA VAL C 178 21.70 -14.57 4.48
C VAL C 178 20.89 -15.50 5.34
N ALA C 179 19.62 -15.17 5.47
CA ALA C 179 18.73 -16.02 6.23
C ALA C 179 17.31 -15.74 5.84
N VAL C 180 16.47 -16.77 5.93
CA VAL C 180 15.08 -16.60 5.59
C VAL C 180 14.16 -17.09 6.68
N ASP C 181 13.36 -16.15 7.17
CA ASP C 181 12.39 -16.35 8.23
C ASP C 181 11.18 -16.95 7.57
N SER C 182 11.36 -18.17 7.13
CA SER C 182 10.33 -18.93 6.46
C SER C 182 9.18 -19.21 7.42
N ASN C 183 9.53 -19.59 8.65
CA ASN C 183 8.50 -19.90 9.64
C ASN C 183 7.86 -18.61 10.14
N ASN C 184 8.44 -17.48 9.74
CA ASN C 184 7.92 -16.18 10.14
C ASN C 184 7.82 -16.00 11.65
N ILE C 185 8.96 -16.18 12.31
CA ILE C 185 9.03 -16.01 13.75
C ILE C 185 9.07 -14.51 14.00
N LEU C 186 9.82 -13.80 13.16
CA LEU C 186 9.96 -12.35 13.30
C LEU C 186 8.73 -11.61 12.81
N PRO C 187 8.50 -10.41 13.34
CA PRO C 187 7.33 -9.67 12.91
C PRO C 187 7.45 -9.22 11.48
N TYR C 188 6.31 -9.12 10.82
CA TYR C 188 6.27 -8.73 9.44
C TYR C 188 6.60 -7.25 9.33
N THR C 189 7.34 -6.91 8.28
CA THR C 189 7.77 -5.54 8.04
C THR C 189 7.76 -5.21 6.56
N PRO C 190 6.58 -4.95 5.99
CA PRO C 190 6.47 -4.62 4.57
C PRO C 190 7.21 -3.32 4.23
N ALA C 191 8.11 -3.35 3.24
CA ALA C 191 8.88 -2.16 2.86
C ALA C 191 8.07 -1.06 2.19
N ALA C 192 6.99 -1.43 1.50
CA ALA C 192 6.12 -0.46 0.84
C ALA C 192 5.44 0.36 1.92
N ASN C 193 5.48 -0.19 3.14
CA ASN C 193 4.90 0.42 4.33
C ASN C 193 5.75 1.68 4.58
N SER C 194 6.72 1.91 3.70
CA SER C 194 7.59 3.08 3.82
C SER C 194 8.20 3.47 2.46
N MET C 195 7.62 3.19 1.31
CA MET C 195 8.50 3.31 0.07
C MET C 195 10.02 3.01 0.18
N GLU C 196 10.40 1.83 0.69
CA GLU C 196 11.78 1.41 0.85
C GLU C 196 12.03 0.03 0.25
N THR C 197 11.27 -0.31 -0.79
CA THR C 197 11.41 -1.59 -1.49
C THR C 197 12.55 -1.49 -2.49
N LEU C 198 12.39 -2.10 -3.65
CA LEU C 198 13.75 -2.10 -4.40
C LEU C 198 13.53 -1.22 -5.60
N GLY C 199 14.59 -0.95 -6.35
CA GLY C 199 14.51 -0.12 -7.54
C GLY C 199 13.47 -0.58 -8.54
N PHE C 200 12.77 0.37 -9.16
CA PHE C 200 11.77 0.03 -10.16
C PHE C 200 12.46 0.17 -11.50
N TYR C 201 13.72 0.59 -11.44
CA TYR C 201 14.54 0.76 -12.64
C TYR C 201 15.66 -0.25 -12.53
N PRO C 202 15.68 -1.22 -13.46
CA PRO C 202 16.65 -2.31 -13.57
C PRO C 202 18.09 -1.88 -13.80
N TRP C 203 18.32 -1.00 -14.77
CA TRP C 203 19.67 -0.56 -15.09
C TRP C 203 20.32 0.30 -14.00
N LYS C 204 19.54 0.62 -12.97
CA LYS C 204 20.06 1.40 -11.86
C LYS C 204 20.07 0.52 -10.63
N PRO C 205 21.17 0.53 -9.88
CA PRO C 205 21.28 -0.28 -8.66
C PRO C 205 20.27 0.06 -7.59
N THR C 206 20.51 -0.46 -6.40
CA THR C 206 19.63 -0.24 -5.27
C THR C 206 20.20 -0.81 -3.99
N ILE C 207 19.50 -0.54 -2.90
CA ILE C 207 19.92 -1.01 -1.60
C ILE C 207 18.77 -1.48 -0.75
N ALA C 208 19.13 -2.02 0.41
CA ALA C 208 18.17 -2.58 1.34
C ALA C 208 17.80 -1.75 2.55
N SER C 209 16.53 -1.89 2.95
CA SER C 209 15.98 -1.21 4.12
C SER C 209 16.48 -2.04 5.31
N PRO C 210 16.88 -1.39 6.41
CA PRO C 210 17.36 -2.16 7.57
C PRO C 210 16.20 -2.75 8.36
N TYR C 211 16.42 -3.91 8.94
CA TYR C 211 15.34 -4.55 9.70
C TYR C 211 15.13 -3.89 11.05
N ARG C 212 13.90 -3.46 11.28
CA ARG C 212 13.54 -2.80 12.53
C ARG C 212 12.12 -3.22 12.90
N TYR C 213 11.84 -3.41 14.19
CA TYR C 213 10.50 -3.82 14.58
C TYR C 213 10.06 -3.24 15.91
N TYR C 214 8.74 -3.04 16.02
CA TYR C 214 8.13 -2.47 17.20
C TYR C 214 8.31 -3.27 18.47
N PHE C 215 8.35 -2.58 19.60
CA PHE C 215 8.47 -3.20 20.91
C PHE C 215 7.35 -2.64 21.82
N CYS C 216 7.07 -3.29 22.95
CA CYS C 216 5.99 -2.83 23.82
C CYS C 216 6.31 -1.74 24.86
N VAL C 217 5.49 -0.67 24.84
CA VAL C 217 5.64 0.49 25.73
C VAL C 217 4.43 0.94 26.55
N ASP C 218 3.37 1.37 25.85
CA ASP C 218 2.14 1.87 26.48
C ASP C 218 2.17 3.40 26.53
N ARG C 219 2.17 4.06 25.36
CA ARG C 219 2.20 5.52 25.33
C ARG C 219 0.82 6.16 25.54
N ASP C 220 0.83 7.38 26.09
CA ASP C 220 -0.40 8.10 26.39
C ASP C 220 -0.33 9.61 26.09
N LEU C 221 -1.40 10.15 25.49
CA LEU C 221 -1.47 11.58 25.15
C LEU C 221 -2.88 12.14 25.31
N SER C 222 -2.98 13.35 25.88
CA SER C 222 -4.27 14.02 26.11
C SER C 222 -4.76 14.85 24.93
N VAL C 223 -6.05 15.18 24.93
CA VAL C 223 -6.67 15.94 23.86
C VAL C 223 -6.70 17.46 24.08
N THR C 224 -6.35 18.21 23.03
CA THR C 224 -6.32 19.67 23.09
C THR C 224 -6.59 20.29 21.70
N TYR C 225 -6.98 21.55 21.68
CA TYR C 225 -7.26 22.22 20.41
C TYR C 225 -6.70 23.65 20.35
N GLU C 226 -6.24 24.05 19.15
CA GLU C 226 -5.66 25.37 18.88
C GLU C 226 -5.14 26.10 20.12
N ASN C 227 -6.05 26.76 20.82
CA ASN C 227 -4.95 27.21 22.10
C ASN C 227 -5.58 26.69 23.35
N GLN C 228 -6.94 26.67 23.39
CA GLN C 228 -7.66 26.20 24.60
C GLN C 228 -7.10 26.92 25.84
N GLU C 229 -7.48 26.39 27.00
CA GLU C 229 -6.74 26.51 28.28
C GLU C 229 -6.33 25.38 29.23
N GLY C 230 -5.24 25.61 29.96
CA GLY C 230 -4.75 24.61 30.89
C GLY C 230 -3.49 24.11 30.24
N THR C 231 -3.09 22.91 30.61
CA THR C 231 -1.91 22.26 30.07
C THR C 231 -2.33 20.94 29.46
N ILE C 232 -1.38 20.29 28.78
CA ILE C 232 -1.58 19.02 28.13
C ILE C 232 -1.66 17.86 29.11
N GLU C 233 -2.16 18.14 30.33
CA GLU C 233 -2.32 17.15 31.40
C GLU C 233 -1.32 16.00 31.17
N HIS C 234 -1.73 15.00 30.41
CA HIS C 234 0.11 14.29 30.69
C HIS C 234 0.30 13.63 29.32
N ASN C 235 1.52 13.81 28.84
CA ASN C 235 2.02 13.32 27.59
C ASN C 235 3.14 12.37 27.96
N VAL C 236 2.78 11.17 28.42
CA VAL C 236 3.75 10.17 28.86
C VAL C 236 4.19 9.11 27.84
N MET C 237 5.33 8.45 28.12
CA MET C 237 5.83 7.39 27.25
C MET C 237 5.75 6.06 27.97
N GLY C 238 6.75 5.75 28.78
CA GLY C 238 6.66 4.49 29.46
C GLY C 238 7.79 3.52 29.24
N THR C 239 7.73 2.50 30.09
CA THR C 239 8.75 1.49 30.20
C THR C 239 8.25 0.12 29.80
N PRO C 240 9.18 -0.80 29.51
CA PRO C 240 8.86 -2.17 29.09
C PRO C 240 8.07 -2.97 30.13
N LYS C 241 7.01 -3.63 29.66
CA LYS C 241 6.15 -4.42 30.53
C LYS C 241 6.50 -5.91 30.48
N GLY C 242 6.64 -6.53 31.65
CA GLY C 242 6.97 -7.95 31.70
C GLY C 242 6.10 -8.84 30.84
N MET C 243 4.79 -8.63 30.91
CA MET C 243 3.86 -9.45 30.13
C MET C 243 3.91 -9.35 28.61
N ASN C 244 4.46 -8.28 28.05
CA ASN C 244 4.47 -8.18 26.58
C ASN C 244 5.81 -7.89 25.95
N SER C 245 6.87 -8.14 26.70
CA SER C 245 8.19 -7.90 26.16
C SER C 245 8.59 -9.03 25.22
N GLN C 246 8.89 -8.67 23.97
CA GLN C 246 9.27 -9.66 22.98
C GLN C 246 10.53 -9.28 22.20
N PHE C 247 11.64 -9.89 22.57
CA PHE C 247 12.92 -9.60 21.90
C PHE C 247 13.51 -10.78 21.15
N PHE C 248 13.54 -10.67 19.83
CA PHE C 248 14.10 -11.72 18.99
C PHE C 248 15.47 -11.39 18.46
N THR C 249 16.05 -12.35 17.76
CA THR C 249 17.37 -12.18 17.22
C THR C 249 17.58 -13.09 16.02
N ILE C 250 17.85 -12.48 14.88
CA ILE C 250 18.08 -13.24 13.65
C ILE C 250 18.89 -14.51 13.92
N GLU C 251 19.91 -14.38 14.77
CA GLU C 251 20.82 -15.47 15.11
C GLU C 251 20.25 -16.63 15.94
N ASN C 252 19.18 -16.38 16.69
CA ASN C 252 18.60 -17.45 17.49
C ASN C 252 17.31 -17.92 16.89
N THR C 253 17.01 -17.49 15.69
CA THR C 253 15.75 -17.87 15.10
C THR C 253 15.87 -18.54 13.74
N GLN C 254 16.86 -18.10 12.97
CA GLN C 254 17.07 -18.62 11.63
C GLN C 254 18.37 -19.41 11.38
N GLN C 255 18.46 -19.98 10.17
CA GLN C 255 19.65 -20.71 9.76
C GLN C 255 20.34 -19.76 8.82
N ILE C 256 21.48 -19.27 9.27
CA ILE C 256 22.25 -18.32 8.50
C ILE C 256 23.24 -19.02 7.63
N THR C 257 23.30 -18.56 6.40
CA THR C 257 24.20 -19.14 5.42
C THR C 257 25.28 -18.16 5.07
N LEU C 258 26.51 -18.65 5.02
CA LEU C 258 27.62 -17.79 4.71
C LEU C 258 27.86 -17.78 3.24
N LEU C 259 28.10 -16.59 2.71
CA LEU C 259 28.35 -16.43 1.29
C LEU C 259 29.65 -15.72 1.04
N ARG C 260 30.59 -16.39 0.39
CA ARG C 260 31.83 -15.76 0.03
C ARG C 260 31.59 -15.40 -1.42
N THR C 261 32.63 -15.00 -2.14
CA THR C 261 32.49 -14.59 -3.54
C THR C 261 31.96 -15.62 -4.50
N GLY C 262 32.45 -16.84 -4.34
CA GLY C 262 32.04 -17.92 -5.21
C GLY C 262 30.77 -18.66 -4.79
N ASP C 263 30.23 -18.33 -3.61
CA ASP C 263 29.02 -19.00 -3.15
C ASP C 263 27.81 -18.40 -3.88
N GLU C 264 26.62 -18.89 -3.54
CA GLU C 264 25.39 -18.37 -4.14
C GLU C 264 24.23 -18.92 -3.32
N PHE C 265 23.11 -18.20 -3.25
CA PHE C 265 21.99 -18.67 -2.46
C PHE C 265 20.67 -18.69 -3.18
N ALA C 266 19.84 -19.66 -2.84
CA ALA C 266 18.56 -19.70 -3.50
C ALA C 266 17.40 -20.23 -2.66
N THR C 267 16.32 -19.49 -2.78
CA THR C 267 15.03 -19.71 -2.17
C THR C 267 14.41 -21.03 -2.53
N GLY C 268 13.29 -21.38 -1.88
CA GLY C 268 12.61 -22.64 -2.22
C GLY C 268 11.74 -22.26 -3.39
N THR C 269 10.41 -22.35 -3.27
CA THR C 269 9.48 -21.86 -4.31
C THR C 269 8.14 -21.78 -3.60
N TYR C 270 7.81 -20.56 -3.18
CA TYR C 270 6.59 -20.33 -2.45
C TYR C 270 5.38 -20.30 -3.36
N TYR C 271 4.33 -20.95 -2.87
CA TYR C 271 3.07 -21.01 -3.57
C TYR C 271 2.04 -20.16 -2.90
N PHE C 272 1.47 -19.26 -3.67
CA PHE C 272 0.47 -18.37 -3.14
C PHE C 272 -0.88 -19.03 -3.03
N ASP C 273 -1.48 -18.86 -1.86
CA ASP C 273 -2.79 -19.39 -1.65
C ASP C 273 -3.63 -18.15 -1.44
N THR C 274 -4.08 -17.55 -2.54
CA THR C 274 -4.83 -16.31 -2.45
C THR C 274 -6.03 -16.21 -3.36
N ASN C 275 -6.79 -15.15 -3.13
CA ASN C 275 -7.97 -14.84 -3.91
C ASN C 275 -7.64 -13.80 -4.98
N PRO C 276 -8.07 -14.05 -6.21
CA PRO C 276 -7.88 -13.23 -7.40
C PRO C 276 -8.49 -11.85 -7.27
N VAL C 277 -7.99 -10.94 -8.08
CA VAL C 277 -8.49 -9.58 -8.06
C VAL C 277 -9.09 -9.22 -9.41
N LYS C 278 -10.34 -8.77 -9.37
CA LYS C 278 -11.04 -8.40 -10.60
C LYS C 278 -10.32 -7.21 -11.19
N LEU C 279 -10.47 -7.02 -12.49
CA LEU C 279 -9.82 -5.88 -13.14
C LEU C 279 -10.87 -5.01 -13.83
N THR C 280 -11.95 -4.75 -13.12
CA THR C 280 -13.02 -3.94 -13.68
C THR C 280 -13.68 -3.15 -12.60
N HIS C 281 -14.00 -1.90 -12.90
CA HIS C 281 -14.68 -1.05 -11.94
C HIS C 281 -16.16 -1.27 -12.16
N THR C 282 -16.96 -0.80 -11.21
CA THR C 282 -18.41 -0.93 -11.29
C THR C 282 -19.03 0.47 -11.26
N TRP C 283 -20.36 0.54 -11.29
CA TRP C 283 -21.00 1.85 -11.24
C TRP C 283 -22.32 1.87 -10.47
N GLN C 284 -23.14 0.85 -10.68
CA GLN C 284 -24.54 0.74 -10.40
C GLN C 284 -24.55 1.09 -8.91
N THR C 285 -25.58 1.84 -8.46
CA THR C 285 -25.74 2.19 -7.05
C THR C 285 -27.13 1.81 -6.72
N ASN C 286 -27.43 1.85 -5.44
CA ASN C 286 -28.75 1.50 -5.01
C ASN C 286 -29.86 2.03 -5.91
N ARG C 287 -29.63 3.18 -6.54
CA ARG C 287 -30.65 3.79 -7.41
C ARG C 287 -30.85 3.08 -8.74
N GLN C 288 -29.86 2.31 -9.17
CA GLN C 288 -29.95 1.60 -10.44
C GLN C 288 -29.79 0.10 -10.27
N LEU C 289 -30.69 -0.53 -9.52
CA LEU C 289 -30.59 -1.96 -9.31
C LEU C 289 -31.81 -2.73 -9.79
N GLY C 290 -31.77 -3.18 -11.04
CA GLY C 290 -32.89 -3.94 -11.56
C GLY C 290 -33.94 -3.20 -12.37
N GLN C 291 -35.20 -3.56 -12.13
CA GLN C 291 -36.37 -3.02 -12.83
C GLN C 291 -36.61 -1.52 -12.86
N PRO C 292 -36.17 -0.83 -13.93
CA PRO C 292 -36.41 0.60 -13.98
C PRO C 292 -37.92 0.79 -14.03
N PRO C 293 -38.42 1.90 -13.47
CA PRO C 293 -39.88 2.10 -13.49
C PRO C 293 -40.46 2.10 -14.91
N LEU C 294 -41.77 1.85 -14.99
CA LEU C 294 -42.45 1.78 -16.28
C LEU C 294 -42.76 3.13 -16.92
N LEU C 295 -42.41 3.27 -18.19
CA LEU C 295 -42.67 4.52 -18.90
C LEU C 295 -44.11 4.63 -19.38
N SER C 296 -44.66 5.84 -19.33
CA SER C 296 -46.03 6.08 -19.78
C SER C 296 -46.00 7.18 -20.85
N THR C 297 -44.93 7.95 -20.83
CA THR C 297 -44.73 9.05 -21.77
C THR C 297 -43.46 8.81 -22.55
N PHE C 298 -43.57 8.84 -23.87
CA PHE C 298 -42.43 8.62 -24.76
C PHE C 298 -41.91 9.87 -25.46
N PRO C 299 -40.61 10.13 -25.36
CA PRO C 299 -40.00 11.30 -25.99
C PRO C 299 -40.38 11.47 -27.45
N GLU C 300 -40.42 12.73 -27.87
CA GLU C 300 -40.78 13.12 -29.24
C GLU C 300 -39.54 13.37 -30.08
N ALA C 301 -38.58 14.08 -29.50
CA ALA C 301 -37.33 14.39 -30.18
C ALA C 301 -36.17 14.11 -29.23
N ASP C 302 -34.99 13.97 -29.80
CA ASP C 302 -33.78 13.68 -29.04
C ASP C 302 -33.51 14.65 -27.90
N THR C 303 -34.44 15.59 -27.69
CA THR C 303 -34.28 16.57 -26.63
C THR C 303 -35.06 16.16 -25.38
N ASP C 304 -36.36 16.45 -25.39
CA ASP C 304 -37.25 16.14 -24.28
C ASP C 304 -37.16 14.69 -23.80
N ALA C 305 -37.49 14.50 -22.52
CA ALA C 305 -37.45 13.18 -21.88
C ALA C 305 -38.82 12.54 -21.75
N GLY C 306 -38.87 11.42 -21.02
CA GLY C 306 -40.12 10.71 -20.83
C GLY C 306 -40.57 10.75 -19.39
N THR C 307 -41.79 10.27 -19.15
CA THR C 307 -42.34 10.26 -17.80
C THR C 307 -42.82 8.89 -17.32
N LEU C 308 -43.00 8.80 -16.01
CA LEU C 308 -43.44 7.57 -15.35
C LEU C 308 -44.91 7.66 -14.99
N THR C 309 -45.33 6.82 -14.05
CA THR C 309 -46.71 6.82 -13.63
C THR C 309 -46.82 7.55 -12.29
N ALA C 310 -48.04 7.98 -11.95
CA ALA C 310 -48.29 8.70 -10.71
C ALA C 310 -47.71 8.00 -9.50
N GLN C 311 -46.81 8.67 -8.79
CA GLN C 311 -46.19 8.10 -7.60
C GLN C 311 -47.26 7.52 -6.68
N GLY C 312 -48.38 8.23 -6.57
CA GLY C 312 -49.44 7.74 -5.72
C GLY C 312 -49.99 6.46 -6.31
N SER C 313 -50.39 6.54 -7.57
CA SER C 313 -50.96 5.39 -8.28
C SER C 313 -49.93 4.57 -9.06
N ARG C 314 -48.85 4.14 -8.39
CA ARG C 314 -47.79 3.34 -9.02
C ARG C 314 -47.55 2.05 -8.20
N HIS C 315 -47.33 0.93 -8.89
CA HIS C 315 -47.11 -0.35 -8.21
C HIS C 315 -45.67 -0.56 -7.81
N GLY C 316 -45.47 -1.33 -6.75
CA GLY C 316 -44.12 -1.62 -6.29
C GLY C 316 -44.17 -1.86 -4.79
N ALA C 317 -43.02 -1.78 -4.12
CA ALA C 317 -42.93 -1.97 -2.66
C ALA C 317 -41.90 -1.03 -2.07
N THR C 318 -42.06 -0.74 -0.78
CA THR C 318 -41.17 0.21 -0.07
C THR C 318 -41.29 -0.18 1.39
N GLN C 319 -40.36 0.35 2.25
CA GLN C 319 -40.44 0.06 3.68
C GLN C 319 -40.68 1.43 4.40
N MET C 320 -41.45 2.35 3.77
CA MET C 320 -41.77 3.58 4.40
C MET C 320 -43.33 3.56 4.37
N GLU C 321 -43.97 4.24 5.32
CA GLU C 321 -45.43 4.23 5.33
C GLU C 321 -46.21 4.98 4.23
N VAL C 322 -45.56 5.94 3.59
CA VAL C 322 -46.20 6.74 2.55
C VAL C 322 -46.96 5.91 1.51
N ASN C 323 -48.00 6.51 0.93
CA ASN C 323 -48.80 5.80 -0.07
C ASN C 323 -48.44 6.21 -1.48
N TRP C 324 -47.16 6.10 -1.79
CA TRP C 324 -46.68 6.43 -3.12
C TRP C 324 -45.36 5.71 -3.33
N VAL C 325 -44.63 6.10 -4.37
CA VAL C 325 -43.37 5.43 -4.70
C VAL C 325 -42.36 6.31 -5.44
N SER C 326 -41.08 6.16 -5.11
CA SER C 326 -40.06 6.96 -5.78
C SER C 326 -38.72 6.26 -5.75
N GLU C 327 -38.01 6.34 -6.86
CA GLU C 327 -36.70 5.71 -6.93
C GLU C 327 -35.94 5.87 -5.63
N ALA C 328 -36.10 7.00 -4.99
CA ALA C 328 -35.38 7.23 -3.76
C ALA C 328 -35.75 6.27 -2.63
N ILE C 329 -37.04 6.04 -2.45
CA ILE C 329 -37.53 5.17 -1.36
C ILE C 329 -37.81 3.71 -1.73
N ARG C 330 -37.72 3.39 -3.01
CA ARG C 330 -37.98 2.02 -3.44
C ARG C 330 -37.03 1.02 -2.78
N THR C 331 -37.47 -0.24 -2.72
CA THR C 331 -36.66 -1.30 -2.14
C THR C 331 -35.59 -1.83 -3.11
N ARG C 332 -34.40 -2.02 -2.58
CA ARG C 332 -33.26 -2.51 -3.36
C ARG C 332 -32.73 -3.82 -2.72
N PRO C 333 -31.98 -4.63 -3.48
CA PRO C 333 -31.44 -5.90 -2.98
C PRO C 333 -30.62 -5.82 -1.71
N ALA C 334 -29.77 -4.81 -1.64
CA ALA C 334 -28.94 -4.57 -0.48
C ALA C 334 -28.31 -3.18 -0.54
N GLN C 335 -27.45 -2.87 0.42
CA GLN C 335 -26.82 -1.56 0.47
C GLN C 335 -25.45 -1.56 -0.15
N VAL C 336 -25.30 -0.74 -1.19
CA VAL C 336 -24.04 -0.63 -1.90
C VAL C 336 -23.20 0.52 -1.34
N GLY C 337 -22.09 0.19 -0.70
CA GLY C 337 -21.24 1.21 -0.10
C GLY C 337 -21.86 1.51 1.26
N PHE C 338 -21.24 2.40 2.03
CA PHE C 338 -21.80 2.76 3.34
C PHE C 338 -21.12 4.00 3.94
N CYS C 339 -21.74 4.54 4.98
CA CYS C 339 -21.22 5.74 5.62
C CYS C 339 -20.18 5.47 6.67
N GLN C 340 -19.03 6.09 6.48
CA GLN C 340 -17.92 5.93 7.38
C GLN C 340 -17.66 7.18 8.19
N PRO C 341 -17.23 7.02 9.45
CA PRO C 341 -16.94 8.14 10.35
C PRO C 341 -15.65 8.87 9.95
N HIS C 342 -15.75 10.18 9.80
CA HIS C 342 -14.61 11.01 9.39
C HIS C 342 -13.62 11.36 10.45
N ASN C 343 -12.36 11.07 10.13
CA ASN C 343 -11.24 11.32 11.03
C ASN C 343 -11.52 10.81 12.43
N ASP C 344 -11.73 9.49 12.49
CA ASP C 344 -12.02 8.81 13.72
C ASP C 344 -10.75 8.42 14.43
N PHE C 345 -10.03 9.41 14.94
CA PHE C 345 -8.82 9.11 15.68
C PHE C 345 -9.23 8.43 16.96
N GLU C 346 -8.85 7.17 17.08
CA GLU C 346 -9.17 6.43 18.28
C GLU C 346 -7.82 6.14 18.93
N ALA C 347 -7.84 5.67 20.17
CA ALA C 347 -6.58 5.38 20.84
C ALA C 347 -6.65 4.29 21.88
N SER C 348 -5.52 3.60 21.99
CA SER C 348 -5.33 2.51 22.94
C SER C 348 -3.97 2.71 23.60
N ARG C 349 -3.61 1.78 24.46
CA ARG C 349 -2.35 1.79 25.20
C ARG C 349 -1.16 2.22 24.33
N ALA C 350 -1.34 2.21 23.04
CA ALA C 350 -0.28 2.56 22.10
C ALA C 350 -0.16 4.06 21.94
N GLY C 351 -1.33 4.68 21.91
CA GLY C 351 -1.45 6.10 21.73
C GLY C 351 -2.60 6.29 20.76
N PRO C 352 -2.71 7.46 20.14
CA PRO C 352 -3.79 7.76 19.20
C PRO C 352 -3.40 7.36 17.78
N PHE C 353 -4.40 7.31 16.91
CA PHE C 353 -4.19 6.96 15.50
C PHE C 353 -5.49 7.05 14.75
N ALA C 354 -5.37 7.34 13.45
CA ALA C 354 -6.53 7.46 12.58
C ALA C 354 -7.00 6.07 12.20
N ALA C 355 -8.31 5.89 12.22
CA ALA C 355 -8.91 4.61 11.86
C ALA C 355 -8.79 4.42 10.37
N PRO C 356 -8.43 3.19 9.95
CA PRO C 356 -8.31 2.88 8.50
C PRO C 356 -9.71 2.80 7.98
N LYS C 357 -9.88 2.77 6.64
CA LYS C 357 -11.26 2.72 6.12
C LYS C 357 -11.23 2.31 4.60
N VAL C 358 -12.18 1.43 4.31
CA VAL C 358 -12.35 0.86 2.99
C VAL C 358 -12.45 1.96 1.98
N PRO C 359 -11.52 1.99 1.02
CA PRO C 359 -11.53 3.00 -0.03
C PRO C 359 -12.83 2.90 -0.83
N ALA C 360 -13.19 3.99 -1.49
CA ALA C 360 -14.38 4.05 -2.29
C ALA C 360 -14.29 5.30 -3.15
N ASP C 361 -15.25 5.42 -4.08
CA ASP C 361 -15.29 6.56 -4.96
C ASP C 361 -15.48 7.80 -4.10
N VAL C 362 -14.85 8.88 -4.56
CA VAL C 362 -14.86 10.15 -3.87
C VAL C 362 -16.20 10.90 -4.07
N THR C 363 -16.83 10.71 -5.22
CA THR C 363 -18.10 11.32 -5.56
C THR C 363 -17.96 12.83 -5.72
N GLN C 364 -19.06 13.44 -6.17
CA GLN C 364 -18.99 14.66 -7.08
C GLN C 364 -18.59 15.47 -5.86
N GLY C 365 -19.13 15.09 -4.71
CA GLY C 365 -18.83 15.78 -3.48
C GLY C 365 -17.34 15.95 -3.20
N MET C 366 -16.49 15.35 -4.03
CA MET C 366 -15.04 15.45 -3.85
C MET C 366 -14.65 15.24 -2.40
N ASP C 367 -15.36 14.34 -1.73
CA ASP C 367 -15.09 14.02 -0.33
C ASP C 367 -14.00 12.95 -0.22
N ARG C 368 -12.73 13.38 -0.31
CA ARG C 368 -11.63 12.43 -0.24
C ARG C 368 -11.51 11.76 1.11
N GLU C 369 -11.00 12.49 2.10
CA GLU C 369 -10.83 11.94 3.43
C GLU C 369 -12.09 11.20 3.89
N ALA C 370 -13.20 11.48 3.21
CA ALA C 370 -14.48 10.86 3.56
C ALA C 370 -14.69 9.45 2.97
N ASN C 371 -14.09 9.18 1.81
CA ASN C 371 -14.20 7.86 1.20
C ASN C 371 -12.81 7.26 0.99
N GLY C 372 -12.00 7.37 2.04
CA GLY C 372 -10.66 6.83 2.11
C GLY C 372 -9.69 6.80 0.93
N SER C 373 -9.61 7.86 0.14
CA SER C 373 -8.61 7.82 -0.91
C SER C 373 -7.25 7.77 -0.22
N VAL C 374 -6.22 7.37 -0.94
CA VAL C 374 -4.91 7.30 -0.29
C VAL C 374 -3.86 8.16 -0.92
N ARG C 375 -2.99 8.71 -0.08
CA ARG C 375 -1.94 9.60 -0.53
C ARG C 375 -0.58 8.98 -0.31
N TYR C 376 0.15 8.81 -1.39
CA TYR C 376 1.48 8.23 -1.34
C TYR C 376 2.54 9.28 -1.48
N SER C 377 3.67 9.02 -0.84
CA SER C 377 4.78 9.95 -0.88
C SER C 377 6.05 9.20 -1.28
N TYR C 378 6.11 8.81 -2.55
CA TYR C 378 7.25 8.06 -3.08
C TYR C 378 8.42 8.96 -3.39
N GLY C 379 9.55 8.37 -3.75
CA GLY C 379 10.71 9.19 -4.05
C GLY C 379 11.87 8.56 -4.83
N LYS C 380 12.13 9.14 -5.99
CA LYS C 380 13.21 8.75 -6.91
C LYS C 380 13.54 7.28 -6.81
N GLN C 381 14.15 6.51 -6.07
CA GLN C 381 13.84 5.07 -6.55
C GLN C 381 12.38 4.45 -6.80
N HIS C 382 11.29 5.21 -6.76
CA HIS C 382 9.94 4.72 -6.91
C HIS C 382 9.07 5.73 -7.65
N GLY C 383 9.68 6.56 -8.47
CA GLY C 383 8.92 7.54 -9.19
C GLY C 383 9.68 8.83 -9.17
N GLU C 384 9.07 9.89 -8.61
CA GLU C 384 9.70 11.21 -8.56
C GLU C 384 10.14 11.46 -9.98
N ASN C 385 10.69 12.63 -10.38
CA ASN C 385 10.99 12.92 -11.89
C ASN C 385 12.40 12.54 -11.97
N TRP C 386 13.31 12.96 -12.64
CA TRP C 386 14.30 12.46 -11.66
C TRP C 386 15.00 13.67 -11.34
N ALA C 387 14.94 14.51 -12.31
CA ALA C 387 15.61 15.76 -12.16
C ALA C 387 14.90 16.69 -11.20
N ALA C 388 14.17 16.19 -10.21
CA ALA C 388 13.48 17.06 -9.24
C ALA C 388 14.49 17.44 -8.14
N HIS C 389 14.58 18.74 -7.84
CA HIS C 389 15.53 19.22 -6.83
C HIS C 389 15.00 19.24 -5.40
N GLY C 390 15.93 19.14 -4.45
CA GLY C 390 15.56 19.16 -3.04
C GLY C 390 15.03 17.83 -2.54
N PRO C 391 15.03 17.63 -1.21
CA PRO C 391 14.55 16.40 -0.57
C PRO C 391 13.03 16.22 -0.70
N ALA C 392 12.34 17.28 -1.11
CA ALA C 392 10.89 17.24 -1.27
C ALA C 392 10.43 15.99 -2.04
N PRO C 393 9.70 15.10 -1.36
CA PRO C 393 9.21 13.87 -1.98
C PRO C 393 8.00 14.19 -2.86
N GLU C 394 7.78 13.40 -3.90
CA GLU C 394 6.62 13.63 -4.78
C GLU C 394 5.45 12.84 -4.20
N ARG C 395 4.24 13.37 -4.32
CA ARG C 395 3.09 12.69 -3.75
C ARG C 395 1.96 12.47 -4.74
N TYR C 396 1.15 11.46 -4.46
CA TYR C 396 0.02 11.16 -5.33
C TYR C 396 -1.16 10.60 -4.57
N THR C 397 -2.33 11.17 -4.80
CA THR C 397 -3.54 10.70 -4.14
C THR C 397 -4.30 9.80 -5.11
N TRP C 398 -4.72 8.65 -4.62
CA TRP C 398 -5.44 7.69 -5.43
C TRP C 398 -6.91 7.67 -5.10
N ASP C 399 -7.74 8.01 -6.08
CA ASP C 399 -9.19 8.01 -5.90
C ASP C 399 -9.74 6.70 -6.45
N GLU C 400 -10.38 5.91 -5.58
CA GLU C 400 -10.92 4.63 -6.00
C GLU C 400 -11.98 4.73 -7.10
N THR C 401 -11.99 3.74 -7.99
CA THR C 401 -12.91 3.70 -9.12
C THR C 401 -14.17 2.85 -8.98
N ASN C 402 -14.45 2.34 -7.79
CA ASN C 402 -15.65 1.53 -7.59
C ASN C 402 -16.86 2.45 -7.35
N PHE C 403 -17.30 3.16 -8.38
CA PHE C 403 -18.44 4.07 -8.26
C PHE C 403 -19.66 3.37 -7.70
N GLY C 404 -20.73 4.13 -7.50
CA GLY C 404 -21.95 3.55 -6.96
C GLY C 404 -21.77 3.03 -5.55
N SER C 405 -20.53 3.19 -5.05
CA SER C 405 -20.14 2.77 -3.70
C SER C 405 -19.71 3.99 -2.86
N GLY C 406 -19.46 5.11 -3.54
CA GLY C 406 -19.05 6.33 -2.88
C GLY C 406 -20.18 7.00 -2.11
N ARG C 407 -19.86 8.07 -1.39
CA ARG C 407 -20.85 8.82 -0.61
C ARG C 407 -20.60 10.33 -0.66
N ASP C 408 -21.64 11.11 -0.95
CA ASP C 408 -21.51 12.58 -0.99
C ASP C 408 -22.11 13.13 0.29
N THR C 409 -21.25 13.45 1.25
CA THR C 409 -21.65 13.98 2.55
C THR C 409 -22.73 15.05 2.49
N ARG C 410 -22.56 16.02 1.59
CA ARG C 410 -23.50 17.12 1.42
C ARG C 410 -24.95 16.67 1.40
N ASP C 411 -25.29 15.85 0.41
CA ASP C 411 -26.66 15.40 0.22
C ASP C 411 -27.18 14.32 1.18
N GLY C 412 -26.28 13.71 1.96
CA GLY C 412 -26.71 12.70 2.91
C GLY C 412 -27.52 13.28 4.05
N PHE C 413 -28.71 12.72 4.30
CA PHE C 413 -29.58 13.25 5.34
C PHE C 413 -30.51 12.23 5.99
N ILE C 414 -30.85 12.47 7.25
CA ILE C 414 -31.73 11.57 7.96
C ILE C 414 -33.07 12.25 8.24
N GLN C 415 -34.16 11.69 7.73
CA GLN C 415 -35.49 12.25 7.98
C GLN C 415 -36.01 11.71 9.31
N SER C 416 -37.29 11.84 9.60
CA SER C 416 -37.75 11.39 10.91
C SER C 416 -39.02 10.56 10.98
N ALA C 417 -39.12 9.78 12.07
CA ALA C 417 -40.24 8.89 12.40
C ALA C 417 -40.86 8.24 11.17
N PRO C 418 -42.21 8.12 11.08
CA PRO C 418 -43.30 8.48 10.21
C PRO C 418 -42.82 9.47 9.15
N LEU C 419 -42.59 8.95 7.96
CA LEU C 419 -42.08 9.79 6.91
C LEU C 419 -43.06 10.82 6.41
N VAL C 420 -42.53 12.03 6.22
CA VAL C 420 -43.29 13.18 5.78
C VAL C 420 -42.82 13.69 4.42
N VAL C 421 -43.76 13.93 3.52
CA VAL C 421 -43.47 14.42 2.17
C VAL C 421 -42.31 15.42 2.22
N PRO C 422 -42.57 16.67 2.66
CA PRO C 422 -41.47 17.63 2.74
C PRO C 422 -41.28 17.78 4.25
N PRO C 423 -40.11 17.40 4.76
CA PRO C 423 -39.77 17.47 6.18
C PRO C 423 -39.73 18.87 6.80
N PRO C 424 -40.20 19.00 8.06
CA PRO C 424 -40.24 20.28 8.79
C PRO C 424 -38.89 20.96 8.89
N LEU C 425 -38.17 20.68 9.97
CA LEU C 425 -36.97 21.47 10.29
C LEU C 425 -36.38 20.61 11.36
N ASN C 426 -37.14 20.49 12.44
CA ASN C 426 -36.75 19.66 13.57
C ASN C 426 -37.29 18.27 13.21
N GLY C 427 -37.46 18.07 11.89
CA GLY C 427 -37.94 16.81 11.36
C GLY C 427 -36.96 16.22 10.34
N ILE C 428 -35.70 16.64 10.40
CA ILE C 428 -34.65 16.17 9.49
C ILE C 428 -33.31 16.76 9.83
N LEU C 429 -32.35 15.90 10.18
CA LEU C 429 -31.00 16.31 10.52
C LEU C 429 -30.12 16.31 9.26
N THR C 430 -29.50 17.44 8.95
CA THR C 430 -28.66 17.53 7.76
C THR C 430 -27.20 17.80 8.04
N ASN C 431 -26.44 17.90 6.94
CA ASN C 431 -25.02 18.16 7.03
C ASN C 431 -24.81 19.65 7.24
N ALA C 432 -25.59 20.21 8.13
CA ALA C 432 -25.49 21.62 8.44
C ALA C 432 -25.58 21.69 9.94
N ASN C 433 -26.55 20.96 10.46
CA ASN C 433 -26.77 20.92 11.89
C ASN C 433 -25.54 20.35 12.57
N PRO C 434 -25.07 21.02 13.63
CA PRO C 434 -23.90 20.67 14.44
C PRO C 434 -24.18 19.73 15.61
N ILE C 435 -23.24 18.82 15.83
CA ILE C 435 -23.35 17.85 16.91
C ILE C 435 -22.50 18.27 18.09
N GLY C 436 -22.95 17.90 19.29
CA GLY C 436 -22.20 18.24 20.49
C GLY C 436 -21.61 19.64 20.52
N THR C 437 -22.38 20.63 20.05
CA THR C 437 -21.98 22.05 20.04
C THR C 437 -20.79 22.50 19.19
N LYS C 438 -20.40 21.69 18.21
CA LYS C 438 -19.29 22.10 17.37
C LYS C 438 -19.84 22.42 15.98
N ASN C 439 -19.52 23.62 15.49
CA ASN C 439 -20.04 24.09 14.20
C ASN C 439 -19.97 23.32 12.88
N ASP C 440 -18.81 22.69 12.66
CA ASP C 440 -18.37 21.89 11.49
C ASP C 440 -18.48 20.32 11.67
N ILE C 441 -18.74 19.88 12.90
CA ILE C 441 -18.86 18.45 13.19
C ILE C 441 -20.30 18.09 12.97
N HIS C 442 -20.58 17.25 11.98
CA HIS C 442 -21.97 16.86 11.70
C HIS C 442 -22.19 15.37 11.89
N PHE C 443 -23.42 14.91 11.67
CA PHE C 443 -23.74 13.50 11.85
C PHE C 443 -22.82 12.59 11.05
N SER C 444 -22.36 13.08 9.90
CA SER C 444 -21.48 12.32 9.03
C SER C 444 -20.25 11.82 9.77
N ASN C 445 -19.52 12.76 10.37
CA ASN C 445 -18.29 12.43 11.08
C ASN C 445 -18.43 11.44 12.24
N VAL C 446 -19.65 10.96 12.50
CA VAL C 446 -19.88 9.99 13.59
C VAL C 446 -20.86 8.90 13.20
N PHE C 447 -21.43 9.05 12.02
CA PHE C 447 -22.38 8.08 11.55
C PHE C 447 -21.70 6.89 10.86
N ASN C 448 -22.15 5.69 11.21
CA ASN C 448 -21.61 4.46 10.63
C ASN C 448 -22.74 3.66 9.95
N SER C 449 -22.81 3.72 8.62
CA SER C 449 -23.88 3.05 7.87
C SER C 449 -23.81 1.52 7.77
N TYR C 450 -22.63 0.96 8.02
CA TYR C 450 -22.36 -0.48 7.96
C TYR C 450 -23.42 -1.41 8.55
N GLY C 451 -23.50 -2.62 7.99
CA GLY C 451 -24.47 -3.59 8.45
C GLY C 451 -24.68 -4.79 7.53
N PRO C 452 -25.50 -5.75 7.96
CA PRO C 452 -25.78 -6.95 7.16
C PRO C 452 -25.97 -6.69 5.67
N LEU C 453 -26.93 -5.85 5.30
CA LEU C 453 -27.19 -5.58 3.90
C LEU C 453 -26.14 -4.73 3.20
N THR C 454 -25.14 -4.31 3.95
CA THR C 454 -24.03 -3.50 3.43
C THR C 454 -23.02 -4.35 2.68
N THR C 455 -23.03 -4.27 1.35
CA THR C 455 -22.13 -5.03 0.49
C THR C 455 -21.27 -4.08 -0.34
N PHE C 456 -20.01 -4.42 -0.56
CA PHE C 456 -19.16 -3.52 -1.33
C PHE C 456 -18.14 -4.23 -2.18
N SER C 457 -17.15 -3.47 -2.64
CA SER C 457 -16.10 -4.03 -3.48
C SER C 457 -14.69 -3.87 -2.95
N HIS C 458 -13.90 -4.90 -3.20
CA HIS C 458 -12.52 -4.98 -2.80
C HIS C 458 -11.78 -3.90 -3.57
N PRO C 459 -10.92 -3.14 -2.88
CA PRO C 459 -10.12 -2.07 -3.50
C PRO C 459 -9.37 -2.60 -4.71
N SER C 460 -8.55 -1.75 -5.33
CA SER C 460 -7.77 -2.17 -6.48
C SER C 460 -6.29 -1.94 -6.16
N PRO C 461 -5.40 -2.51 -6.99
CA PRO C 461 -3.96 -2.34 -6.74
C PRO C 461 -3.50 -1.10 -7.47
N VAL C 462 -2.41 -0.52 -6.98
CA VAL C 462 -1.89 0.69 -7.60
C VAL C 462 -0.61 0.27 -8.27
N TYR C 463 -0.43 0.61 -9.55
CA TYR C 463 0.76 0.17 -10.27
C TYR C 463 2.14 0.43 -9.66
N PRO C 464 2.83 1.52 -10.04
CA PRO C 464 4.10 1.50 -9.30
C PRO C 464 3.77 1.83 -7.83
N GLN C 465 4.75 1.73 -6.94
CA GLN C 465 4.53 2.06 -5.51
C GLN C 465 3.61 1.16 -4.70
N GLY C 466 2.63 0.54 -5.37
CA GLY C 466 1.69 -0.33 -4.68
C GLY C 466 2.23 -1.62 -4.06
N GLN C 467 1.59 -2.08 -2.98
CA GLN C 467 2.02 -3.32 -2.34
C GLN C 467 1.27 -4.47 -3.00
N ILE C 468 1.88 -5.65 -3.06
CA ILE C 468 1.25 -6.80 -3.69
C ILE C 468 0.51 -7.72 -2.71
N TRP C 469 1.24 -8.48 -1.90
CA TRP C 469 0.63 -9.39 -0.93
C TRP C 469 0.95 -8.97 0.48
N ASP C 470 0.31 -9.60 1.45
CA ASP C 470 0.54 -9.23 2.83
C ASP C 470 0.15 -10.39 3.74
N LYS C 471 0.72 -10.43 4.94
CA LYS C 471 0.41 -11.48 5.91
C LYS C 471 -0.93 -11.15 6.61
N GLU C 472 -1.51 -12.12 7.29
CA GLU C 472 -2.77 -11.88 7.95
C GLU C 472 -2.53 -11.72 9.44
N LEU C 473 -3.34 -10.89 10.07
CA LEU C 473 -3.26 -10.68 11.51
C LEU C 473 -3.59 -11.98 12.19
N ASP C 474 -2.78 -12.33 13.18
CA ASP C 474 -3.00 -13.57 13.91
C ASP C 474 -4.11 -13.39 14.93
N LEU C 475 -5.21 -12.77 14.52
CA LEU C 475 -6.32 -12.56 15.44
C LEU C 475 -7.41 -13.58 15.22
N GLU C 476 -7.72 -14.37 16.24
CA GLU C 476 -8.75 -15.38 16.11
C GLU C 476 -9.95 -14.92 15.27
N HIS C 477 -10.18 -13.62 15.15
CA HIS C 477 -11.29 -13.11 14.32
C HIS C 477 -10.76 -12.10 13.33
N LYS C 478 -10.71 -12.51 12.07
CA LYS C 478 -10.14 -11.68 11.03
C LYS C 478 -10.94 -10.56 10.40
N PRO C 479 -10.24 -9.72 9.65
CA PRO C 479 -10.79 -8.57 8.94
C PRO C 479 -11.12 -8.97 7.51
N ARG C 480 -12.27 -8.52 7.01
CA ARG C 480 -12.70 -8.82 5.65
C ARG C 480 -11.72 -8.40 4.54
N LEU C 481 -10.54 -7.89 4.91
CA LEU C 481 -9.52 -7.48 3.92
C LEU C 481 -8.57 -6.46 4.52
N HIS C 482 -7.50 -6.14 3.80
CA HIS C 482 -6.55 -5.11 4.26
C HIS C 482 -6.56 -4.04 3.20
N ILE C 483 -6.44 -2.79 3.61
CA ILE C 483 -6.42 -1.70 2.65
C ILE C 483 -4.96 -1.56 2.28
N THR C 484 -4.13 -2.19 3.09
CA THR C 484 -2.69 -2.19 2.92
C THR C 484 -2.25 -2.78 1.58
N ALA C 485 -2.91 -3.85 1.16
CA ALA C 485 -2.60 -4.52 -0.10
C ALA C 485 -3.76 -5.32 -0.72
N PRO C 486 -3.57 -5.80 -1.96
CA PRO C 486 -4.60 -6.57 -2.67
C PRO C 486 -4.70 -8.03 -2.25
N PHE C 487 -3.55 -8.69 -2.17
CA PHE C 487 -3.48 -10.11 -1.85
C PHE C 487 -3.09 -10.45 -0.43
N VAL C 488 -3.97 -11.17 0.25
CA VAL C 488 -3.73 -11.57 1.63
C VAL C 488 -3.65 -13.07 1.70
N CYS C 489 -2.52 -13.59 2.16
CA CYS C 489 -2.34 -15.04 2.24
C CYS C 489 -3.22 -15.77 3.23
N LYS C 490 -4.02 -16.72 2.72
CA LYS C 490 -4.93 -17.49 3.54
C LYS C 490 -4.23 -18.38 4.57
N ASN C 491 -3.07 -18.92 4.18
CA ASN C 491 -2.28 -19.80 5.06
C ASN C 491 -1.05 -19.02 5.55
N ASN C 492 0.10 -19.68 5.62
CA ASN C 492 1.33 -18.99 6.01
C ASN C 492 1.78 -18.13 4.86
N ALA C 493 2.75 -17.24 5.10
CA ALA C 493 3.18 -16.38 4.02
C ALA C 493 4.69 -16.30 3.81
N PRO C 494 5.10 -15.79 2.64
CA PRO C 494 6.50 -15.62 2.23
C PRO C 494 7.37 -15.18 3.37
N GLY C 495 8.38 -15.99 3.69
CA GLY C 495 9.30 -15.62 4.75
C GLY C 495 10.10 -14.42 4.27
N GLN C 496 10.40 -13.51 5.18
CA GLN C 496 11.15 -12.32 4.80
C GLN C 496 12.62 -12.72 4.61
N MET C 497 13.28 -12.10 3.64
CA MET C 497 14.68 -12.42 3.38
C MET C 497 15.67 -11.45 4.02
N LEU C 498 16.38 -11.91 5.04
CA LEU C 498 17.33 -11.03 5.69
C LEU C 498 18.79 -11.17 5.30
N VAL C 499 19.47 -10.04 5.25
CA VAL C 499 20.87 -9.99 4.87
C VAL C 499 21.70 -9.05 5.73
N ARG C 500 22.97 -9.41 5.87
CA ARG C 500 23.90 -8.62 6.65
C ARG C 500 25.34 -8.97 6.24
N LEU C 501 26.23 -7.98 6.30
CA LEU C 501 27.62 -8.24 5.96
C LEU C 501 28.24 -8.91 7.18
N GLY C 502 29.36 -9.57 6.97
CA GLY C 502 30.02 -10.24 8.09
C GLY C 502 31.08 -9.34 8.71
N PRO C 503 31.22 -9.37 10.04
CA PRO C 503 32.20 -8.55 10.76
C PRO C 503 33.65 -8.86 10.42
N ASN C 504 34.25 -7.97 9.64
CA ASN C 504 35.63 -8.14 9.23
C ASN C 504 36.55 -7.57 10.30
N LEU C 505 37.08 -8.43 11.15
CA LEU C 505 37.96 -7.98 12.23
C LEU C 505 39.39 -7.54 11.91
N THR C 506 39.97 -6.80 12.86
CA THR C 506 41.34 -6.29 12.76
C THR C 506 42.23 -7.13 13.67
N ASP C 507 43.52 -6.80 13.72
CA ASP C 507 44.45 -7.55 14.56
C ASP C 507 44.20 -7.26 16.03
N GLN C 508 43.54 -6.15 16.30
CA GLN C 508 43.24 -5.75 17.66
C GLN C 508 41.81 -6.04 18.05
N TYR C 509 41.66 -6.72 19.18
CA TYR C 509 40.33 -7.03 19.65
C TYR C 509 40.30 -7.43 21.13
N ASP C 510 39.42 -6.78 21.85
CA ASP C 510 39.20 -7.02 23.26
C ASP C 510 37.68 -6.98 23.43
N PRO C 511 37.09 -8.08 23.92
CA PRO C 511 35.65 -8.23 24.15
C PRO C 511 35.13 -7.26 25.21
N ASN C 512 35.89 -7.17 26.29
CA ASN C 512 35.59 -6.30 27.42
C ASN C 512 35.92 -4.87 27.01
N GLY C 513 36.58 -4.75 25.85
CA GLY C 513 36.96 -3.46 25.31
C GLY C 513 35.80 -2.57 24.93
N ALA C 514 35.78 -1.38 25.55
CA ALA C 514 34.74 -0.36 25.32
C ALA C 514 33.98 -0.58 24.02
N THR C 515 34.61 -0.19 22.91
CA THR C 515 33.91 -0.09 21.61
C THR C 515 35.14 -0.23 20.72
N LEU C 516 35.06 -1.05 19.68
CA LEU C 516 36.23 -1.20 18.85
C LEU C 516 36.14 -1.39 17.34
N SER C 517 37.32 -1.18 16.76
CA SER C 517 37.62 -1.23 15.35
C SER C 517 37.29 -2.51 14.61
N ARG C 518 36.99 -2.30 13.33
CA ARG C 518 36.67 -3.35 12.39
C ARG C 518 37.04 -2.77 11.03
N ILE C 519 37.64 -3.59 10.18
CA ILE C 519 38.05 -3.15 8.85
C ILE C 519 36.86 -2.69 8.02
N VAL C 520 36.97 -1.50 7.46
CA VAL C 520 35.90 -0.96 6.63
C VAL C 520 35.59 -1.96 5.54
N THR C 521 34.30 -2.14 5.26
CA THR C 521 33.92 -3.08 4.22
C THR C 521 32.50 -2.85 3.71
N TYR C 522 32.30 -3.19 2.46
CA TYR C 522 30.99 -3.02 1.87
C TYR C 522 30.88 -4.04 0.76
N GLY C 523 29.66 -4.23 0.25
CA GLY C 523 29.49 -5.19 -0.82
C GLY C 523 28.28 -5.02 -1.73
N THR C 524 28.21 -5.93 -2.70
CA THR C 524 27.12 -5.95 -3.65
C THR C 524 26.83 -7.39 -4.04
N PHE C 525 25.72 -7.57 -4.74
CA PHE C 525 25.26 -8.88 -5.20
C PHE C 525 24.02 -8.67 -6.04
N PHE C 526 23.68 -9.65 -6.88
CA PHE C 526 22.48 -9.53 -7.68
C PHE C 526 21.39 -10.33 -7.06
N TRP C 527 20.18 -9.86 -7.26
CA TRP C 527 19.03 -10.53 -6.74
C TRP C 527 18.16 -10.83 -7.92
N LYS C 528 17.64 -12.05 -7.95
CA LYS C 528 16.77 -12.40 -9.04
C LYS C 528 15.49 -12.99 -8.49
N GLY C 529 14.39 -12.47 -9.01
CA GLY C 529 13.09 -12.91 -8.56
C GLY C 529 12.25 -13.42 -9.70
N LYS C 530 11.36 -14.31 -9.34
CA LYS C 530 10.44 -14.95 -10.26
C LYS C 530 9.02 -14.85 -9.67
N LEU C 531 8.14 -14.20 -10.40
CA LEU C 531 6.78 -14.06 -9.93
C LEU C 531 5.87 -14.52 -11.06
N THR C 532 5.03 -15.48 -10.74
CA THR C 532 4.12 -16.03 -11.73
C THR C 532 2.70 -15.66 -11.39
N MET C 533 1.94 -15.28 -12.41
CA MET C 533 0.57 -14.90 -12.18
C MET C 533 -0.36 -15.57 -13.16
N ARG C 534 -1.64 -15.48 -12.88
CA ARG C 534 -2.62 -16.10 -13.75
C ARG C 534 -3.74 -15.14 -14.01
N ALA C 535 -4.04 -14.98 -15.29
CA ALA C 535 -5.11 -14.10 -15.69
C ALA C 535 -5.89 -14.77 -16.79
N LYS C 536 -6.96 -14.11 -17.19
CA LYS C 536 -7.79 -14.59 -18.27
C LYS C 536 -8.18 -13.37 -19.09
N LEU C 537 -8.38 -13.58 -20.38
CA LEU C 537 -8.75 -12.48 -21.24
C LEU C 537 -10.20 -12.10 -21.02
N ARG C 538 -10.49 -10.80 -21.12
CA ARG C 538 -11.85 -10.29 -20.94
C ARG C 538 -12.65 -10.64 -22.17
N ALA C 539 -13.97 -10.66 -22.03
CA ALA C 539 -14.81 -10.97 -23.16
C ALA C 539 -15.47 -9.68 -23.59
N ASN C 540 -15.68 -9.50 -24.89
CA ASN C 540 -16.32 -8.28 -25.38
C ASN C 540 -17.79 -8.62 -25.67
N THR C 541 -18.70 -7.89 -25.03
CA THR C 541 -20.13 -8.14 -25.18
C THR C 541 -21.02 -6.91 -25.37
N THR C 542 -20.50 -5.73 -25.03
CA THR C 542 -21.26 -4.48 -25.15
C THR C 542 -21.72 -4.20 -26.58
N TRP C 543 -21.26 -3.06 -27.10
CA TRP C 543 -21.57 -2.63 -28.45
C TRP C 543 -20.62 -1.48 -28.62
N ASN C 544 -20.78 -0.54 -27.70
CA ASN C 544 -20.30 0.75 -27.56
C ASN C 544 -18.93 0.35 -27.11
N PRO C 545 -17.88 0.96 -27.65
CA PRO C 545 -16.53 0.60 -27.22
C PRO C 545 -16.39 0.86 -25.73
N VAL C 546 -15.17 0.86 -25.21
CA VAL C 546 -15.03 1.09 -23.78
C VAL C 546 -13.69 1.65 -23.36
N TYR C 547 -13.68 2.33 -22.21
CA TYR C 547 -12.47 2.94 -21.73
C TYR C 547 -11.25 2.03 -21.67
N GLN C 548 -10.20 2.52 -22.31
CA GLN C 548 -8.92 1.83 -22.42
C GLN C 548 -7.82 2.76 -21.94
N VAL C 549 -6.78 2.21 -21.34
CA VAL C 549 -5.69 3.05 -20.89
C VAL C 549 -4.85 3.36 -22.10
N SER C 550 -4.72 4.63 -22.43
CA SER C 550 -3.90 4.98 -23.58
C SER C 550 -2.97 6.14 -23.26
N VAL C 551 -2.09 6.44 -24.20
CA VAL C 551 -1.14 7.52 -24.02
C VAL C 551 -1.51 8.63 -24.96
N GLU C 552 -0.86 9.77 -24.81
CA GLU C 552 -1.13 10.89 -25.69
C GLU C 552 0.10 11.68 -26.10
N ASP C 553 0.02 12.24 -27.30
CA ASP C 553 1.09 13.04 -27.88
C ASP C 553 1.62 14.02 -26.87
N ASN C 554 2.73 14.64 -27.25
CA ASN C 554 3.38 15.60 -26.35
C ASN C 554 2.43 16.71 -25.90
N GLY C 555 1.71 16.45 -24.80
CA GLY C 555 0.78 17.43 -24.26
C GLY C 555 0.93 17.73 -22.78
N ASN C 556 -0.14 18.32 -22.27
CA ASN C 556 -0.25 18.72 -20.88
C ASN C 556 -1.22 17.70 -20.28
N SER C 557 -1.39 16.60 -21.00
CA SER C 557 -2.27 15.51 -20.60
C SER C 557 -1.57 14.64 -19.55
N TYR C 558 -2.38 14.08 -18.67
CA TYR C 558 -1.86 13.20 -17.62
C TYR C 558 -1.15 12.03 -18.29
N MET C 559 -1.76 11.53 -19.36
CA MET C 559 -1.24 10.42 -20.13
C MET C 559 -0.44 10.96 -21.32
N SER C 560 0.79 11.40 -21.08
CA SER C 560 1.59 11.93 -22.15
C SER C 560 2.89 11.17 -22.28
N VAL C 561 2.98 10.36 -23.33
CA VAL C 561 4.18 9.56 -23.56
C VAL C 561 5.40 10.04 -22.78
N THR C 562 5.82 11.24 -23.12
CA THR C 562 6.99 11.87 -22.53
C THR C 562 7.23 11.54 -21.07
N LYS C 563 6.18 11.39 -20.29
CA LYS C 563 6.31 11.08 -18.86
C LYS C 563 7.11 9.76 -18.62
N TRP C 564 6.85 8.78 -19.48
CA TRP C 564 7.52 7.50 -19.40
C TRP C 564 8.62 7.46 -20.44
N LEU C 565 9.39 8.54 -20.51
CA LEU C 565 10.47 8.61 -21.47
C LEU C 565 11.67 9.22 -20.79
N PRO C 566 12.85 8.96 -21.34
CA PRO C 566 14.08 9.52 -20.77
C PRO C 566 14.27 10.95 -21.23
N THR C 567 15.14 11.66 -20.52
CA THR C 567 15.46 13.04 -20.82
C THR C 567 16.73 13.01 -21.64
N ALA C 568 17.31 14.18 -21.84
CA ALA C 568 18.54 14.28 -22.60
C ALA C 568 19.70 13.74 -21.75
N THR C 569 19.57 13.89 -20.43
CA THR C 569 20.58 13.39 -19.51
C THR C 569 20.17 12.01 -19.02
N GLY C 570 18.96 11.60 -19.40
CA GLY C 570 18.43 10.30 -19.04
C GLY C 570 17.63 10.18 -17.75
N ASN C 571 16.73 11.12 -17.50
CA ASN C 571 15.93 11.05 -16.28
C ASN C 571 14.49 10.65 -16.60
N MET C 572 13.85 9.88 -15.71
CA MET C 572 12.47 9.48 -15.92
C MET C 572 11.73 9.17 -14.65
N GLN C 573 10.42 9.34 -14.73
CA GLN C 573 9.53 9.12 -13.60
C GLN C 573 8.52 8.00 -13.85
N SER C 574 7.93 7.52 -12.77
CA SER C 574 6.90 6.51 -12.93
C SER C 574 5.67 7.01 -12.22
N VAL C 575 4.65 7.22 -13.03
CA VAL C 575 3.38 7.72 -12.59
C VAL C 575 2.41 6.58 -12.43
N PRO C 576 1.65 6.55 -11.33
CA PRO C 576 0.66 5.49 -11.10
C PRO C 576 -0.29 5.37 -12.30
N LEU C 577 -0.77 4.16 -12.59
CA LEU C 577 -1.69 4.00 -13.69
C LEU C 577 -2.99 3.35 -13.32
N ILE C 578 -4.02 3.63 -14.11
CA ILE C 578 -5.35 3.08 -13.86
C ILE C 578 -5.42 1.56 -13.96
N THR C 579 -5.94 0.94 -12.92
CA THR C 579 -6.12 -0.50 -12.87
C THR C 579 -7.62 -0.64 -12.93
N ARG C 580 -8.14 -1.33 -13.94
CA ARG C 580 -9.60 -1.51 -14.09
C ARG C 580 -10.22 -0.34 -14.85
N PRO C 581 -9.74 -0.09 -16.07
CA PRO C 581 -10.22 0.76 -17.10
C PRO C 581 -11.57 0.35 -17.66
N VAL C 582 -11.90 -0.91 -17.50
CA VAL C 582 -13.16 -1.38 -18.07
C VAL C 582 -14.34 -1.66 -17.17
N ALA C 583 -15.48 -1.19 -17.67
CA ALA C 583 -16.77 -1.30 -17.01
C ALA C 583 -17.18 -2.75 -16.78
N ARG C 584 -17.69 -3.02 -15.58
CA ARG C 584 -18.09 -4.39 -15.18
C ARG C 584 -19.56 -4.73 -15.35
N ASN C 585 -20.26 -4.88 -14.28
CA ASN C 585 -21.71 -4.98 -14.23
C ASN C 585 -22.19 -5.32 -12.82
N THR C 586 -22.61 -4.01 -12.23
CA THR C 586 -22.90 -5.72 -10.73
C THR C 586 -24.28 -6.34 -10.66
N TYR C 587 -25.25 -5.98 -11.51
CA TYR C 587 -26.49 -6.73 -11.36
C TYR C 587 -27.49 -6.59 -12.50
CA CA D . 10.53 -15.96 -30.75
CA CA E . 15.72 -18.75 -28.11
O5' D5M F . 11.34 -24.31 -27.15
C5' D5M F . 12.19 -25.45 -27.31
C4' D5M F . 11.65 -26.65 -26.57
O4' D5M F . 10.31 -26.94 -27.06
C3' D5M F . 12.45 -27.94 -26.77
O3' D5M F . 12.28 -28.82 -25.64
C2' D5M F . 11.75 -28.59 -27.96
C1' D5M F . 10.30 -28.22 -27.70
N9 D5M F . 9.44 -28.14 -28.88
C8 D5M F . 9.77 -27.73 -30.16
N7 D5M F . 8.75 -27.71 -30.99
C5 D5M F . 7.68 -28.15 -30.22
C6 D5M F . 6.31 -28.34 -30.51
N6 D5M F . 5.76 -28.09 -31.71
N1 D5M F . 5.51 -28.79 -29.52
C2 D5M F . 6.05 -29.03 -28.31
N3 D5M F . 7.31 -28.88 -27.91
C4 D5M F . 8.09 -28.43 -28.92
#